data_1PEX
#
_entry.id   1PEX
#
_cell.length_a   52.940
_cell.length_b   52.940
_cell.length_c   144.020
_cell.angle_alpha   90.00
_cell.angle_beta   90.00
_cell.angle_gamma   120.00
#
_symmetry.space_group_name_H-M   'P 32 2 1'
#
loop_
_entity.id
_entity.type
_entity.pdbx_description
1 polymer COLLAGENASE-3
2 non-polymer 'SULFATE ION'
3 non-polymer 'CHLORIDE ION'
4 non-polymer 'CALCIUM ION'
5 water water
#
_entity_poly.entity_id   1
_entity_poly.type   'polypeptide(L)'
_entity_poly.pdbx_seq_one_letter_code
;LYGPGDEDPNPKHPKTPDKCDPSLSLDAITSLRGETMIFKDRFFWRLHPQQVDAELFLTKSFWPELPNRIDAAYEHPSHD
LIFIFRGRKFWALNGYDILEGYPKKISELGLPKEVKKISAAVHFEDTGKTLLFSGNQVWRYDDTNHIMDKDYPRLIEEDF
PGIGDKVDAVYEKNGYIYFFNGPIQFEYSIWSNRIVRVMPANSILWC
;
_entity_poly.pdbx_strand_id   A
#
# COMPACT_ATOMS: atom_id res chain seq x y z
N THR A 16 0.68 -20.35 -6.09
CA THR A 16 0.56 -20.24 -4.60
C THR A 16 1.81 -19.62 -3.98
N PRO A 17 1.67 -18.50 -3.24
CA PRO A 17 2.79 -17.82 -2.61
C PRO A 17 3.25 -18.55 -1.34
N ASP A 18 4.55 -18.64 -1.14
CA ASP A 18 5.09 -19.30 0.04
C ASP A 18 5.28 -18.32 1.19
N LYS A 19 4.53 -18.54 2.26
CA LYS A 19 4.58 -17.69 3.45
C LYS A 19 6.00 -17.36 3.93
N CYS A 20 6.91 -18.31 3.82
CA CYS A 20 8.23 -18.04 4.31
C CYS A 20 9.32 -18.14 3.30
N ASP A 21 8.97 -18.12 2.01
CA ASP A 21 10.00 -18.16 0.99
C ASP A 21 10.77 -16.90 1.33
N PRO A 22 12.04 -17.05 1.80
CA PRO A 22 12.90 -15.91 2.18
C PRO A 22 13.28 -15.06 0.99
N SER A 23 12.53 -15.20 -0.09
CA SER A 23 12.77 -14.45 -1.29
C SER A 23 11.47 -13.71 -1.62
N LEU A 24 10.50 -13.84 -0.73
CA LEU A 24 9.20 -13.20 -0.87
C LEU A 24 9.24 -11.67 -0.88
N SER A 25 8.52 -11.13 -1.85
CA SER A 25 8.32 -9.72 -2.07
C SER A 25 6.81 -9.61 -2.01
N LEU A 26 6.30 -8.45 -1.63
CA LEU A 26 4.86 -8.32 -1.55
C LEU A 26 4.38 -7.33 -2.59
N ASP A 27 3.15 -7.52 -3.05
CA ASP A 27 2.59 -6.67 -4.08
C ASP A 27 1.94 -5.43 -3.54
N ALA A 28 1.35 -5.58 -2.36
CA ALA A 28 0.63 -4.51 -1.68
C ALA A 28 0.27 -4.96 -0.29
N ILE A 29 -0.20 -3.99 0.51
CA ILE A 29 -0.60 -4.12 1.91
C ILE A 29 -1.54 -2.99 2.36
N THR A 30 -2.66 -3.36 2.97
CA THR A 30 -3.60 -2.41 3.56
C THR A 30 -3.80 -2.95 4.96
N SER A 31 -4.87 -2.44 5.55
CA SER A 31 -5.37 -2.76 6.85
C SER A 31 -6.85 -2.64 6.51
N LEU A 32 -7.65 -3.53 7.04
CA LEU A 32 -9.08 -3.52 6.76
C LEU A 32 -9.68 -3.69 8.12
N ARG A 33 -10.27 -2.61 8.61
CA ARG A 33 -10.86 -2.58 9.95
C ARG A 33 -9.97 -3.30 10.93
N GLY A 34 -8.76 -2.77 11.07
CA GLY A 34 -7.82 -3.33 12.01
C GLY A 34 -7.43 -4.77 11.73
N GLU A 35 -7.60 -5.21 10.49
CA GLU A 35 -7.21 -6.56 10.06
C GLU A 35 -6.28 -6.31 8.86
N THR A 36 -5.04 -6.80 8.92
CA THR A 36 -4.09 -6.55 7.85
C THR A 36 -4.19 -7.52 6.65
N MET A 37 -4.20 -6.95 5.45
CA MET A 37 -4.30 -7.72 4.24
C MET A 37 -3.09 -7.55 3.36
N ILE A 38 -2.40 -8.65 3.08
CA ILE A 38 -1.19 -8.65 2.25
C ILE A 38 -1.43 -9.33 0.92
N PHE A 39 -1.24 -8.60 -0.17
CA PHE A 39 -1.48 -9.13 -1.51
C PHE A 39 -0.27 -9.65 -2.23
N LYS A 40 -0.40 -10.85 -2.79
CA LYS A 40 0.64 -11.45 -3.58
C LYS A 40 -0.05 -12.21 -4.68
N ASP A 41 0.09 -11.69 -5.89
CA ASP A 41 -0.46 -12.27 -7.10
C ASP A 41 -1.99 -12.21 -7.04
N ARG A 42 -2.65 -13.35 -7.18
CA ARG A 42 -4.12 -13.42 -7.15
C ARG A 42 -4.59 -13.87 -5.77
N PHE A 43 -3.65 -13.76 -4.81
CA PHE A 43 -3.87 -14.09 -3.40
C PHE A 43 -3.76 -12.90 -2.42
N PHE A 44 -4.20 -13.14 -1.19
CA PHE A 44 -3.99 -12.18 -0.15
C PHE A 44 -4.00 -12.93 1.15
N TRP A 45 -3.12 -12.54 2.08
CA TRP A 45 -3.10 -13.17 3.41
C TRP A 45 -3.84 -12.25 4.33
N ARG A 46 -4.61 -12.79 5.26
CA ARG A 46 -5.35 -11.94 6.16
C ARG A 46 -4.76 -12.17 7.50
N LEU A 47 -4.48 -11.09 8.22
CA LEU A 47 -3.89 -11.19 9.53
C LEU A 47 -4.76 -10.55 10.62
N HIS A 48 -4.65 -11.13 11.80
CA HIS A 48 -5.40 -10.74 13.01
C HIS A 48 -4.49 -10.14 14.05
N PRO A 49 -5.09 -9.42 15.01
CA PRO A 49 -4.39 -8.77 16.13
C PRO A 49 -4.29 -9.85 17.19
N GLN A 50 -3.18 -10.58 17.16
CA GLN A 50 -2.91 -11.67 18.09
C GLN A 50 -1.43 -12.01 18.00
N GLN A 51 -1.11 -13.15 17.39
CA GLN A 51 0.28 -13.60 17.23
C GLN A 51 0.36 -14.70 16.18
N VAL A 52 -0.55 -15.66 16.27
CA VAL A 52 -0.57 -16.77 15.33
C VAL A 52 -1.71 -16.65 14.31
N ASP A 53 -1.69 -17.57 13.33
CA ASP A 53 -2.68 -17.64 12.26
C ASP A 53 -2.42 -16.62 11.16
N ALA A 54 -2.70 -17.02 9.91
CA ALA A 54 -2.49 -16.18 8.73
C ALA A 54 -3.14 -16.80 7.48
N GLU A 55 -4.44 -16.61 7.34
CA GLU A 55 -5.18 -17.17 6.22
C GLU A 55 -4.77 -16.60 4.89
N LEU A 56 -4.95 -17.40 3.83
CA LEU A 56 -4.68 -17.04 2.44
C LEU A 56 -5.93 -17.33 1.55
N PHE A 57 -6.51 -16.29 1.01
CA PHE A 57 -7.68 -16.46 0.17
C PHE A 57 -7.33 -16.03 -1.26
N LEU A 58 -8.22 -16.32 -2.18
CA LEU A 58 -8.02 -15.87 -3.52
C LEU A 58 -8.61 -14.48 -3.40
N THR A 59 -8.14 -13.50 -4.19
CA THR A 59 -8.71 -12.13 -4.15
C THR A 59 -10.10 -12.14 -4.75
N LYS A 60 -10.24 -12.88 -5.86
CA LYS A 60 -11.49 -13.02 -6.59
C LYS A 60 -12.58 -13.82 -5.90
N SER A 61 -12.20 -14.44 -4.81
CA SER A 61 -13.11 -15.16 -3.95
C SER A 61 -14.01 -14.05 -3.35
N PHE A 62 -13.36 -12.94 -2.97
CA PHE A 62 -14.00 -11.77 -2.37
C PHE A 62 -14.49 -10.68 -3.34
N TRP A 63 -13.70 -10.33 -4.33
CA TRP A 63 -14.08 -9.27 -5.27
C TRP A 63 -13.65 -9.66 -6.68
N PRO A 64 -14.47 -10.43 -7.36
CA PRO A 64 -14.12 -10.83 -8.71
C PRO A 64 -14.02 -9.69 -9.66
N GLU A 65 -14.73 -8.59 -9.43
CA GLU A 65 -14.58 -7.52 -10.41
C GLU A 65 -13.17 -6.94 -10.52
N LEU A 66 -12.34 -7.19 -9.52
CA LEU A 66 -11.00 -6.66 -9.48
C LEU A 66 -10.09 -7.21 -10.56
N PRO A 67 -8.84 -6.73 -10.61
CA PRO A 67 -7.90 -7.21 -11.61
C PRO A 67 -7.25 -8.44 -10.96
N ASN A 68 -6.38 -9.14 -11.67
CA ASN A 68 -5.81 -10.31 -11.05
C ASN A 68 -4.60 -9.94 -10.31
N ARG A 69 -4.01 -8.79 -10.66
CA ARG A 69 -2.86 -8.27 -9.92
C ARG A 69 -3.16 -6.89 -9.30
N ILE A 70 -2.67 -6.71 -8.07
CA ILE A 70 -2.81 -5.47 -7.32
C ILE A 70 -1.45 -4.72 -7.27
N ASP A 71 -1.49 -3.45 -7.66
CA ASP A 71 -0.31 -2.60 -7.65
C ASP A 71 -0.01 -1.96 -6.31
N ALA A 72 -1.04 -1.44 -5.64
CA ALA A 72 -0.88 -0.79 -4.35
C ALA A 72 -2.19 -0.77 -3.69
N ALA A 73 -2.23 -0.49 -2.41
CA ALA A 73 -3.49 -0.42 -1.69
C ALA A 73 -3.38 0.39 -0.40
N TYR A 74 -4.42 1.15 -0.10
CA TYR A 74 -4.46 1.89 1.13
C TYR A 74 -5.90 1.96 1.67
N GLU A 75 -6.04 2.03 3.00
CA GLU A 75 -7.32 2.11 3.70
C GLU A 75 -7.60 3.54 4.10
N HIS A 76 -8.83 3.97 3.93
CA HIS A 76 -9.24 5.32 4.28
C HIS A 76 -10.03 5.13 5.55
N PRO A 77 -9.46 5.52 6.68
CA PRO A 77 -9.99 5.42 8.04
C PRO A 77 -11.32 6.11 8.39
N SER A 78 -11.60 7.29 7.81
CA SER A 78 -12.85 8.07 8.05
C SER A 78 -14.04 7.55 7.26
N HIS A 79 -13.78 6.85 6.17
CA HIS A 79 -14.84 6.30 5.35
C HIS A 79 -14.91 4.80 5.48
N ASP A 80 -13.84 4.22 6.02
CA ASP A 80 -13.67 2.78 6.09
C ASP A 80 -13.78 2.23 4.67
N LEU A 81 -12.83 2.64 3.84
CA LEU A 81 -12.78 2.24 2.45
C LEU A 81 -11.34 1.82 2.14
N ILE A 82 -11.21 0.99 1.10
CA ILE A 82 -9.93 0.49 0.62
C ILE A 82 -9.86 0.80 -0.87
N PHE A 83 -8.84 1.58 -1.24
CA PHE A 83 -8.64 1.95 -2.63
C PHE A 83 -7.62 1.01 -3.20
N ILE A 84 -7.93 0.41 -4.33
CA ILE A 84 -7.04 -0.53 -4.97
C ILE A 84 -6.56 -0.03 -6.30
N PHE A 85 -5.25 0.01 -6.46
CA PHE A 85 -4.69 0.50 -7.69
C PHE A 85 -4.12 -0.56 -8.62
N ARG A 86 -4.54 -0.54 -9.89
CA ARG A 86 -4.03 -1.46 -10.92
C ARG A 86 -3.88 -0.80 -12.29
N GLY A 87 -2.64 -0.41 -12.62
CA GLY A 87 -2.34 0.25 -13.87
C GLY A 87 -2.82 1.66 -13.70
N ARG A 88 -3.73 2.09 -14.56
CA ARG A 88 -4.27 3.43 -14.40
C ARG A 88 -5.58 3.49 -13.57
N LYS A 89 -6.29 2.36 -13.42
CA LYS A 89 -7.57 2.33 -12.69
C LYS A 89 -7.49 2.01 -11.21
N PHE A 90 -8.34 2.67 -10.44
CA PHE A 90 -8.40 2.43 -9.01
C PHE A 90 -9.86 2.13 -8.57
N TRP A 91 -9.99 1.24 -7.61
CA TRP A 91 -11.28 0.83 -7.11
C TRP A 91 -11.49 1.18 -5.62
N ALA A 92 -12.70 1.63 -5.26
CA ALA A 92 -12.99 1.92 -3.87
C ALA A 92 -13.77 0.70 -3.50
N LEU A 93 -13.50 0.18 -2.30
CA LEU A 93 -14.18 -1.00 -1.81
C LEU A 93 -14.63 -0.85 -0.38
N ASN A 94 -15.81 -1.35 -0.07
CA ASN A 94 -16.34 -1.33 1.28
C ASN A 94 -17.01 -2.70 1.41
N GLY A 95 -16.46 -3.53 2.30
CA GLY A 95 -16.96 -4.89 2.50
C GLY A 95 -16.63 -5.71 1.27
N TYR A 96 -17.58 -6.48 0.78
CA TYR A 96 -17.30 -7.26 -0.43
C TYR A 96 -17.78 -6.41 -1.59
N ASP A 97 -18.23 -5.20 -1.32
CA ASP A 97 -18.74 -4.39 -2.39
C ASP A 97 -17.70 -3.61 -3.12
N ILE A 98 -18.13 -2.88 -4.14
CA ILE A 98 -17.30 -2.00 -4.93
C ILE A 98 -18.22 -0.78 -5.15
N LEU A 99 -17.82 0.37 -4.60
CA LEU A 99 -18.60 1.58 -4.72
C LEU A 99 -18.96 1.90 -6.16
N GLU A 100 -20.14 2.46 -6.35
CA GLU A 100 -20.60 2.83 -7.67
C GLU A 100 -19.70 3.93 -8.21
N GLY A 101 -19.59 4.01 -9.53
CA GLY A 101 -18.78 5.02 -10.16
C GLY A 101 -17.36 4.54 -10.38
N TYR A 102 -17.01 3.39 -9.81
CA TYR A 102 -15.67 2.77 -9.93
C TYR A 102 -15.70 1.60 -10.90
N PRO A 103 -14.57 1.31 -11.59
CA PRO A 103 -13.21 1.77 -11.36
C PRO A 103 -13.03 3.15 -11.94
N LYS A 104 -12.37 4.02 -11.19
CA LYS A 104 -12.10 5.40 -11.62
C LYS A 104 -10.70 5.39 -12.16
N LYS A 105 -10.30 6.47 -12.83
CA LYS A 105 -8.95 6.56 -13.34
C LYS A 105 -8.09 7.25 -12.29
N ILE A 106 -6.78 7.20 -12.49
CA ILE A 106 -5.87 7.83 -11.55
C ILE A 106 -5.70 9.29 -11.90
N SER A 107 -6.51 9.75 -12.87
CA SER A 107 -6.51 11.14 -13.34
C SER A 107 -7.29 12.03 -12.36
N GLU A 108 -8.45 11.57 -11.89
CA GLU A 108 -9.22 12.32 -10.90
C GLU A 108 -8.34 12.49 -9.64
N LEU A 109 -7.18 11.81 -9.66
CA LEU A 109 -6.19 11.82 -8.58
C LEU A 109 -5.15 12.89 -8.77
N GLY A 110 -5.17 13.55 -9.91
CA GLY A 110 -4.21 14.61 -10.14
C GLY A 110 -2.81 14.21 -10.54
N LEU A 111 -2.56 12.91 -10.73
CA LEU A 111 -1.24 12.43 -11.11
C LEU A 111 -1.01 12.73 -12.58
N PRO A 112 0.24 13.04 -12.93
CA PRO A 112 0.62 13.36 -14.31
C PRO A 112 0.41 12.16 -15.21
N LYS A 113 0.48 12.41 -16.51
CA LYS A 113 0.25 11.35 -17.47
C LYS A 113 1.47 10.63 -18.06
N GLU A 114 2.64 10.90 -17.53
CA GLU A 114 3.79 10.17 -17.99
C GLU A 114 3.91 9.12 -16.90
N VAL A 115 2.85 9.00 -16.08
CA VAL A 115 2.73 8.05 -14.96
C VAL A 115 1.61 7.04 -15.18
N LYS A 116 1.96 5.80 -15.36
CA LYS A 116 0.95 4.82 -15.60
C LYS A 116 0.72 3.88 -14.44
N LYS A 117 1.80 3.40 -13.81
CA LYS A 117 1.68 2.51 -12.64
C LYS A 117 1.86 3.22 -11.26
N ILE A 118 1.33 2.62 -10.20
CA ILE A 118 1.47 3.14 -8.84
C ILE A 118 1.99 1.89 -8.11
N SER A 119 3.16 2.00 -7.48
CA SER A 119 3.72 0.84 -6.84
C SER A 119 3.34 0.60 -5.41
N ALA A 120 2.92 1.66 -4.73
CA ALA A 120 2.56 1.52 -3.35
C ALA A 120 1.78 2.69 -2.90
N ALA A 121 1.18 2.57 -1.72
CA ALA A 121 0.37 3.67 -1.17
C ALA A 121 0.09 3.52 0.31
N VAL A 122 0.14 4.64 1.01
CA VAL A 122 -0.13 4.73 2.43
C VAL A 122 -0.87 6.07 2.68
N HIS A 123 -1.77 6.05 3.65
CA HIS A 123 -2.57 7.20 4.01
C HIS A 123 -2.35 7.43 5.47
N PHE A 124 -1.96 8.64 5.86
CA PHE A 124 -1.72 8.91 7.28
C PHE A 124 -2.87 9.63 7.88
N GLU A 125 -3.45 9.09 8.95
CA GLU A 125 -4.64 9.73 9.57
C GLU A 125 -4.33 11.00 10.35
N ASP A 126 -3.05 11.15 10.62
CA ASP A 126 -2.47 12.29 11.35
C ASP A 126 -2.64 13.58 10.53
N THR A 127 -2.54 13.47 9.20
CA THR A 127 -2.55 14.64 8.36
C THR A 127 -3.52 14.78 7.17
N GLY A 128 -4.25 13.72 6.81
CA GLY A 128 -5.13 13.83 5.65
C GLY A 128 -4.30 13.57 4.40
N LYS A 129 -3.01 13.41 4.62
CA LYS A 129 -2.08 13.10 3.57
C LYS A 129 -2.01 11.58 3.16
N THR A 130 -2.17 11.37 1.86
CA THR A 130 -2.12 10.07 1.20
C THR A 130 -0.82 10.05 0.39
N LEU A 131 0.11 9.18 0.77
CA LEU A 131 1.40 9.06 0.10
C LEU A 131 1.49 7.92 -0.97
N LEU A 132 1.27 8.28 -2.24
CA LEU A 132 1.34 7.36 -3.41
C LEU A 132 2.74 7.38 -4.04
N PHE A 133 3.33 6.22 -4.31
CA PHE A 133 4.68 6.19 -4.87
C PHE A 133 4.66 5.66 -6.28
N SER A 134 5.44 6.27 -7.18
CA SER A 134 5.49 5.75 -8.54
C SER A 134 6.90 5.65 -9.14
N GLY A 135 7.33 4.44 -9.40
CA GLY A 135 8.66 4.25 -9.96
C GLY A 135 9.73 4.74 -9.01
N ASN A 136 10.08 6.01 -9.10
CA ASN A 136 11.14 6.59 -8.28
C ASN A 136 10.71 7.80 -7.46
N GLN A 137 9.51 8.32 -7.72
CA GLN A 137 9.06 9.47 -6.96
C GLN A 137 7.96 9.11 -6.03
N VAL A 138 7.51 10.14 -5.32
CA VAL A 138 6.39 10.04 -4.41
C VAL A 138 5.47 11.14 -4.95
N TRP A 139 4.31 11.26 -4.33
CA TRP A 139 3.31 12.25 -4.66
C TRP A 139 2.54 12.32 -3.38
N ARG A 140 2.23 13.50 -2.87
CA ARG A 140 1.46 13.52 -1.66
C ARG A 140 0.11 14.20 -1.81
N TYR A 141 -0.93 13.37 -1.92
CA TYR A 141 -2.30 13.84 -2.09
C TYR A 141 -2.78 14.37 -0.73
N ASP A 142 -3.86 15.15 -0.77
CA ASP A 142 -4.45 15.65 0.46
C ASP A 142 -5.86 15.12 0.46
N ASP A 143 -6.02 14.01 1.17
CA ASP A 143 -7.30 13.35 1.27
C ASP A 143 -8.13 13.93 2.38
N THR A 144 -8.20 15.25 2.32
CA THR A 144 -8.93 16.11 3.26
C THR A 144 -9.64 17.16 2.36
N ASN A 145 -8.90 17.59 1.33
CA ASN A 145 -9.30 18.60 0.32
C ASN A 145 -9.17 18.11 -1.11
N HIS A 146 -8.75 16.87 -1.32
CA HIS A 146 -8.61 16.38 -2.69
C HIS A 146 -7.65 17.24 -3.51
N ILE A 147 -6.44 17.44 -3.00
CA ILE A 147 -5.40 18.24 -3.69
C ILE A 147 -4.00 17.60 -3.56
N MET A 148 -3.18 17.78 -4.60
CA MET A 148 -1.80 17.31 -4.59
C MET A 148 -0.84 18.36 -3.95
N ASP A 149 -0.29 18.09 -2.76
CA ASP A 149 0.66 19.01 -2.10
C ASP A 149 1.77 19.34 -3.08
N LYS A 150 1.59 20.51 -3.71
CA LYS A 150 2.42 21.11 -4.78
C LYS A 150 3.96 21.06 -4.74
N ASP A 151 4.50 20.80 -3.56
CA ASP A 151 5.95 20.68 -3.34
C ASP A 151 6.38 19.24 -3.68
N TYR A 152 5.59 18.56 -4.55
CA TYR A 152 5.80 17.16 -5.01
C TYR A 152 5.43 16.97 -6.49
N PRO A 153 6.20 16.12 -7.23
CA PRO A 153 6.85 14.81 -6.98
C PRO A 153 8.29 14.75 -6.50
N ARG A 154 8.53 14.61 -5.21
CA ARG A 154 9.89 14.48 -4.70
C ARG A 154 10.43 13.05 -5.01
N LEU A 155 11.74 12.85 -4.87
CA LEU A 155 12.39 11.57 -5.10
C LEU A 155 12.40 10.68 -3.87
N ILE A 156 12.18 9.39 -4.06
CA ILE A 156 12.13 8.44 -2.97
C ILE A 156 13.36 8.64 -2.08
N GLU A 157 14.49 8.78 -2.77
CA GLU A 157 15.82 8.99 -2.19
C GLU A 157 15.93 10.28 -1.37
N GLU A 158 15.33 11.35 -1.88
CA GLU A 158 15.29 12.65 -1.21
C GLU A 158 14.47 12.62 0.08
N ASP A 159 13.18 12.32 -0.02
CA ASP A 159 12.33 12.26 1.15
C ASP A 159 12.61 11.21 2.23
N PHE A 160 12.70 9.96 1.83
CA PHE A 160 12.96 8.90 2.79
C PHE A 160 14.34 8.32 2.47
N PRO A 161 15.43 8.99 2.88
CA PRO A 161 16.72 8.39 2.53
C PRO A 161 17.00 7.08 3.29
N GLY A 162 17.61 6.13 2.58
CA GLY A 162 17.96 4.86 3.20
C GLY A 162 17.29 3.63 2.64
N ILE A 163 15.98 3.73 2.38
CA ILE A 163 15.18 2.61 1.88
C ILE A 163 15.36 2.18 0.42
N GLY A 164 16.21 2.88 -0.32
CA GLY A 164 16.42 2.57 -1.72
C GLY A 164 15.82 3.65 -2.59
N ASP A 165 15.37 3.22 -3.77
CA ASP A 165 14.82 4.12 -4.78
C ASP A 165 13.56 3.55 -5.44
N LYS A 166 12.88 2.67 -4.70
CA LYS A 166 11.67 2.04 -5.17
C LYS A 166 10.92 1.45 -3.98
N VAL A 167 9.57 1.51 -4.03
CA VAL A 167 8.69 0.96 -2.99
C VAL A 167 7.67 -0.02 -3.60
N ASP A 168 7.70 -1.26 -3.12
CA ASP A 168 6.83 -2.28 -3.64
C ASP A 168 5.51 -2.45 -2.89
N ALA A 169 5.52 -2.06 -1.62
CA ALA A 169 4.35 -2.15 -0.75
C ALA A 169 4.64 -1.21 0.43
N VAL A 170 3.62 -0.59 0.99
CA VAL A 170 3.81 0.27 2.17
C VAL A 170 2.55 0.38 3.03
N TYR A 171 2.76 0.47 4.34
CA TYR A 171 1.70 0.61 5.33
C TYR A 171 2.17 1.24 6.65
N GLU A 172 1.26 1.84 7.40
CA GLU A 172 1.59 2.49 8.66
C GLU A 172 0.90 1.79 9.80
N LYS A 173 1.68 1.21 10.68
CA LYS A 173 1.12 0.57 11.85
C LYS A 173 1.84 1.42 12.88
N ASN A 174 0.97 2.10 13.62
CA ASN A 174 1.27 3.14 14.57
C ASN A 174 2.57 3.61 15.13
N GLY A 175 2.97 4.64 14.39
CA GLY A 175 4.17 5.42 14.58
C GLY A 175 5.03 5.28 13.35
N TYR A 176 5.14 4.01 12.92
CA TYR A 176 5.98 3.61 11.81
C TYR A 176 5.32 3.44 10.47
N ILE A 177 6.12 3.67 9.46
CA ILE A 177 5.76 3.54 8.07
C ILE A 177 6.67 2.38 7.65
N TYR A 178 6.05 1.33 7.09
CA TYR A 178 6.77 0.13 6.68
C TYR A 178 6.91 0.07 5.19
N PHE A 179 8.17 0.17 4.77
CA PHE A 179 8.56 0.15 3.35
C PHE A 179 9.11 -1.24 3.06
N PHE A 180 8.64 -1.82 1.96
CA PHE A 180 9.09 -3.12 1.52
C PHE A 180 9.75 -2.89 0.17
N ASN A 181 11.06 -3.08 0.14
CA ASN A 181 11.78 -2.92 -1.10
C ASN A 181 12.26 -4.30 -1.46
N GLY A 182 11.59 -4.95 -2.40
CA GLY A 182 12.01 -6.27 -2.74
C GLY A 182 11.80 -7.16 -1.54
N PRO A 183 12.73 -8.07 -1.30
CA PRO A 183 12.66 -9.02 -0.17
C PRO A 183 13.03 -8.39 1.16
N ILE A 184 12.81 -7.09 1.29
CA ILE A 184 13.25 -6.35 2.45
C ILE A 184 12.16 -5.43 3.06
N GLN A 185 12.17 -5.33 4.38
CA GLN A 185 11.21 -4.52 5.10
C GLN A 185 11.90 -3.47 5.96
N PHE A 186 11.48 -2.19 5.88
CA PHE A 186 12.08 -1.11 6.68
C PHE A 186 11.04 -0.57 7.59
N GLU A 187 11.37 -0.49 8.88
CA GLU A 187 10.54 0.07 9.93
C GLU A 187 11.13 1.50 10.02
N TYR A 188 10.44 2.45 9.41
CA TYR A 188 10.87 3.83 9.33
C TYR A 188 10.15 4.68 10.34
N SER A 189 10.78 5.77 10.77
CA SER A 189 10.12 6.69 11.69
C SER A 189 9.78 7.98 10.96
N ILE A 190 8.50 8.22 10.82
CA ILE A 190 8.05 9.40 10.12
C ILE A 190 8.47 10.66 10.87
N TRP A 191 8.73 10.50 12.15
CA TRP A 191 9.07 11.62 13.00
C TRP A 191 10.55 11.84 13.26
N SER A 192 11.35 10.81 13.03
CA SER A 192 12.77 10.98 13.19
C SER A 192 13.44 10.77 11.84
N ASN A 193 12.64 10.49 10.84
CA ASN A 193 13.15 10.24 9.50
C ASN A 193 14.35 9.35 9.51
N ARG A 194 14.24 8.22 10.18
CA ARG A 194 15.37 7.33 10.25
C ARG A 194 14.88 5.89 10.38
N ILE A 195 15.55 4.98 9.67
CA ILE A 195 15.20 3.57 9.68
C ILE A 195 15.50 3.02 11.04
N VAL A 196 14.45 2.69 11.75
CA VAL A 196 14.60 2.13 13.07
C VAL A 196 15.21 0.74 12.95
N ARG A 197 14.59 -0.16 12.17
CA ARG A 197 15.08 -1.53 11.96
C ARG A 197 14.78 -2.14 10.57
N VAL A 198 15.63 -3.05 10.10
CA VAL A 198 15.51 -3.71 8.79
C VAL A 198 15.28 -5.20 8.97
N MET A 199 14.36 -5.74 8.16
CA MET A 199 13.94 -7.15 8.28
C MET A 199 13.61 -7.82 6.93
N PRO A 200 13.33 -9.13 6.94
CA PRO A 200 12.99 -9.92 5.75
C PRO A 200 11.54 -9.54 5.53
N ALA A 201 11.11 -9.42 4.29
CA ALA A 201 9.73 -9.01 4.03
C ALA A 201 8.68 -9.91 4.65
N ASN A 202 8.93 -11.22 4.63
CA ASN A 202 8.04 -12.26 5.19
C ASN A 202 7.89 -12.28 6.70
N SER A 203 8.57 -11.42 7.43
CA SER A 203 8.32 -11.45 8.88
C SER A 203 6.96 -10.85 9.16
N ILE A 204 6.39 -10.15 8.19
CA ILE A 204 5.08 -9.57 8.39
C ILE A 204 4.13 -10.70 8.56
N LEU A 205 4.55 -11.87 8.06
CA LEU A 205 3.79 -13.12 8.10
C LEU A 205 4.34 -14.12 9.12
N TRP A 206 5.28 -13.67 9.95
CA TRP A 206 5.93 -14.49 10.97
C TRP A 206 6.67 -15.66 10.33
N CYS A 207 7.91 -15.38 9.99
CA CYS A 207 8.73 -16.37 9.35
C CYS A 207 10.14 -16.18 9.86
#